data_4QBH
#
_entry.id   4QBH
#
_cell.length_a   36.089
_cell.length_b   75.360
_cell.length_c   81.982
_cell.angle_alpha   90.00
_cell.angle_beta   89.996
_cell.angle_gamma   90.00
#
_symmetry.space_group_name_H-M   'P 1 21 1'
#
loop_
_entity.id
_entity.type
_entity.pdbx_description
1 polymer 'Adenylate kinase'
2 non-polymer "BIS(ADENOSINE)-5'-PENTAPHOSPHATE"
3 non-polymer 'ZINC ION'
4 non-polymer 'MAGNESIUM ION'
5 water water
#
_entity_poly.entity_id   1
_entity_poly.type   'polypeptide(L)'
_entity_poly.pdbx_seq_one_letter_code
;MNLVLMGLPGAGKGTQAERIVEAYGIPHISTGDMFRAAMKEGTPLGLQAKQYMDRGDLVPDEVTIGIVRERLGKDDCERG
FLLDGFPRTVAQAEALEEILEEIGRPIDYVIHIEVRQDVLMERLTGRRICRNCGATYHLIFHPPAKPGVCDKCGGELYQR
ADDNEETVAKRLEVNMKQMKPLLDFYEQKGYLRNVNGQQDMQDVFADVRELLGGLKR
;
_entity_poly.pdbx_strand_id   A,B
#
loop_
_chem_comp.id
_chem_comp.type
_chem_comp.name
_chem_comp.formula
AP5 non-polymer BIS(ADENOSINE)-5'-PENTAPHOSPHATE 'C20 H29 N10 O22 P5'
MG non-polymer 'MAGNESIUM ION' 'Mg 2'
ZN non-polymer 'ZINC ION' 'Zn 2'
#
# COMPACT_ATOMS: atom_id res chain seq x y z
N MET A 1 -7.86 1.33 -8.71
CA MET A 1 -6.94 1.97 -7.77
C MET A 1 -7.23 3.47 -7.82
N ASN A 2 -7.61 4.05 -6.68
CA ASN A 2 -7.93 5.45 -6.48
C ASN A 2 -6.80 6.16 -5.71
N LEU A 3 -5.95 6.95 -6.40
CA LEU A 3 -4.66 7.32 -5.87
C LEU A 3 -4.46 8.84 -5.85
N VAL A 4 -3.66 9.29 -4.88
CA VAL A 4 -3.17 10.67 -4.82
C VAL A 4 -1.65 10.59 -4.75
N LEU A 5 -0.99 11.43 -5.55
CA LEU A 5 0.39 11.74 -5.35
C LEU A 5 0.59 13.12 -4.77
N MET A 6 1.40 13.14 -3.71
CA MET A 6 1.76 14.37 -3.09
C MET A 6 3.27 14.44 -2.90
N GLY A 7 3.76 15.68 -2.81
CA GLY A 7 5.16 15.93 -2.78
C GLY A 7 5.44 17.35 -3.22
N LEU A 8 6.57 17.87 -2.80
CA LEU A 8 6.97 19.26 -3.13
C LEU A 8 7.10 19.44 -4.63
N PRO A 9 7.05 20.66 -5.11
CA PRO A 9 7.39 20.95 -6.51
C PRO A 9 8.75 20.32 -6.90
N GLY A 10 8.75 19.50 -7.97
CA GLY A 10 9.98 18.89 -8.47
C GLY A 10 10.24 17.53 -7.85
N ALA A 11 9.39 17.11 -6.93
CA ALA A 11 9.66 15.85 -6.24
C ALA A 11 9.59 14.62 -7.15
N GLY A 12 8.94 14.71 -8.33
CA GLY A 12 8.87 13.62 -9.26
C GLY A 12 7.45 13.08 -9.44
N LYS A 13 6.46 13.84 -9.03
CA LYS A 13 5.03 13.40 -9.14
C LYS A 13 4.65 13.13 -10.56
N GLY A 14 4.95 14.05 -11.48
CA GLY A 14 4.58 13.84 -12.86
C GLY A 14 5.33 12.67 -13.51
N THR A 15 6.60 12.54 -13.16
CA THR A 15 7.46 11.55 -13.69
C THR A 15 6.93 10.19 -13.30
N GLN A 16 6.54 10.05 -12.05
CA GLN A 16 5.90 8.76 -11.61
C GLN A 16 4.51 8.55 -12.20
N ALA A 17 3.70 9.61 -12.22
CA ALA A 17 2.38 9.59 -12.90
C ALA A 17 2.51 9.01 -14.27
N GLU A 18 3.48 9.46 -15.10
CA GLU A 18 3.58 8.96 -16.46
C GLU A 18 3.69 7.42 -16.43
N ARG A 19 4.48 6.91 -15.49
CA ARG A 19 4.75 5.48 -15.42
C ARG A 19 3.59 4.71 -14.89
N ILE A 20 2.88 5.30 -13.95
CA ILE A 20 1.66 4.65 -13.40
C ILE A 20 0.57 4.59 -14.48
N VAL A 21 0.37 5.69 -15.19
CA VAL A 21 -0.63 5.74 -16.29
C VAL A 21 -0.33 4.77 -17.42
N GLU A 22 0.97 4.67 -17.80
CA GLU A 22 1.38 3.71 -18.79
C GLU A 22 1.09 2.27 -18.31
N ALA A 23 1.46 1.95 -17.09
CA ALA A 23 1.32 0.58 -16.63
C ALA A 23 -0.16 0.20 -16.41
N TYR A 24 -0.98 1.12 -15.85
CA TYR A 24 -2.32 0.76 -15.36
C TYR A 24 -3.51 1.37 -16.11
N GLY A 25 -3.25 2.30 -17.01
CA GLY A 25 -4.28 2.84 -17.87
C GLY A 25 -5.30 3.66 -17.10
N ILE A 26 -4.93 4.25 -15.95
CA ILE A 26 -5.91 5.12 -15.25
C ILE A 26 -5.77 6.60 -15.66
N PRO A 27 -6.84 7.37 -15.50
CA PRO A 27 -6.72 8.78 -15.86
C PRO A 27 -5.75 9.51 -14.91
N HIS A 28 -4.97 10.37 -15.53
CA HIS A 28 -4.08 11.28 -14.86
C HIS A 28 -4.74 12.63 -14.74
N ILE A 29 -5.04 13.03 -13.50
CA ILE A 29 -5.66 14.31 -13.20
C ILE A 29 -4.67 15.21 -12.46
N SER A 30 -4.15 16.23 -13.17
CA SER A 30 -3.11 17.10 -12.64
C SER A 30 -3.69 18.48 -12.66
N THR A 31 -3.97 19.05 -11.51
CA THR A 31 -4.51 20.43 -11.47
C THR A 31 -3.58 21.45 -12.11
N GLY A 32 -2.23 21.26 -11.92
CA GLY A 32 -1.27 22.20 -12.65
C GLY A 32 -1.44 22.05 -14.15
N ASP A 33 -1.55 20.82 -14.65
CA ASP A 33 -1.80 20.64 -16.05
C ASP A 33 -3.11 21.33 -16.53
N MET A 34 -4.18 21.17 -15.77
CA MET A 34 -5.47 21.75 -16.10
C MET A 34 -5.41 23.26 -16.13
N PHE A 35 -4.67 23.85 -15.18
CA PHE A 35 -4.61 25.26 -15.08
C PHE A 35 -3.77 25.79 -16.22
N ARG A 36 -2.66 25.13 -16.51
CA ARG A 36 -1.81 25.55 -17.67
C ARG A 36 -2.53 25.41 -18.98
N ALA A 37 -3.36 24.36 -19.16
CA ALA A 37 -4.18 24.24 -20.38
C ALA A 37 -5.20 25.40 -20.52
N ALA A 38 -5.95 25.64 -19.45
CA ALA A 38 -6.87 26.77 -19.44
C ALA A 38 -6.15 28.07 -19.73
N MET A 39 -4.96 28.27 -19.18
CA MET A 39 -4.21 29.51 -19.40
C MET A 39 -3.86 29.66 -20.86
N LYS A 40 -3.46 28.55 -21.45
CA LYS A 40 -3.06 28.55 -22.88
C LYS A 40 -4.29 28.87 -23.73
N GLU A 41 -5.43 28.31 -23.34
CA GLU A 41 -6.64 28.50 -24.07
C GLU A 41 -7.25 29.90 -23.77
N GLY A 42 -6.75 30.62 -22.77
CA GLY A 42 -7.26 31.97 -22.46
C GLY A 42 -8.66 32.03 -21.81
N THR A 43 -9.13 30.95 -21.17
CA THR A 43 -10.42 30.98 -20.49
C THR A 43 -10.36 31.84 -19.22
N PRO A 44 -11.53 32.30 -18.73
CA PRO A 44 -11.50 33.14 -17.50
C PRO A 44 -10.79 32.46 -16.35
N LEU A 45 -11.00 31.17 -16.15
CA LEU A 45 -10.27 30.48 -15.08
C LEU A 45 -8.79 30.39 -15.41
N GLY A 46 -8.42 30.11 -16.66
CA GLY A 46 -7.04 30.14 -17.01
C GLY A 46 -6.34 31.46 -16.78
N LEU A 47 -6.99 32.56 -17.09
CA LEU A 47 -6.38 33.86 -16.83
C LEU A 47 -6.29 34.21 -15.35
N GLN A 48 -7.27 33.78 -14.58
CA GLN A 48 -7.17 33.96 -13.12
C GLN A 48 -6.02 33.16 -12.56
N ALA A 49 -5.99 31.89 -12.90
CA ALA A 49 -4.95 31.00 -12.46
C ALA A 49 -3.56 31.52 -12.85
N LYS A 50 -3.43 32.03 -14.07
CA LYS A 50 -2.13 32.46 -14.55
C LYS A 50 -1.51 33.42 -13.55
N GLN A 51 -2.31 34.28 -12.97
CA GLN A 51 -1.78 35.25 -12.02
C GLN A 51 -1.13 34.59 -10.80
N TYR A 52 -1.78 33.57 -10.27
CA TYR A 52 -1.21 32.89 -9.14
C TYR A 52 0.05 32.04 -9.54
N MET A 53 -0.07 31.35 -10.65
CA MET A 53 0.98 30.43 -11.05
C MET A 53 2.24 31.21 -11.36
N ASP A 54 2.10 32.35 -11.98
CA ASP A 54 3.27 33.16 -12.42
C ASP A 54 4.07 33.59 -11.18
N ARG A 55 3.38 33.85 -10.08
CA ARG A 55 4.01 34.24 -8.84
C ARG A 55 4.56 33.08 -8.04
N GLY A 56 4.11 31.86 -8.33
CA GLY A 56 4.32 30.73 -7.53
C GLY A 56 3.35 30.45 -6.39
N ASP A 57 2.25 31.17 -6.38
CA ASP A 57 1.25 30.99 -5.35
C ASP A 57 0.26 29.92 -5.73
N LEU A 58 -0.46 29.39 -4.75
CA LEU A 58 -1.53 28.45 -5.04
C LEU A 58 -2.75 29.20 -5.62
N VAL A 59 -3.39 28.56 -6.58
CA VAL A 59 -4.74 29.02 -6.94
C VAL A 59 -5.69 28.82 -5.76
N PRO A 60 -6.67 29.74 -5.58
CA PRO A 60 -7.59 29.53 -4.46
C PRO A 60 -8.32 28.19 -4.46
N ASP A 61 -8.75 27.76 -3.27
CA ASP A 61 -9.26 26.41 -3.14
C ASP A 61 -10.55 26.11 -3.92
N GLU A 62 -11.52 26.99 -3.85
CA GLU A 62 -12.89 26.61 -4.30
C GLU A 62 -12.98 26.36 -5.82
N VAL A 63 -12.36 27.27 -6.57
CA VAL A 63 -12.24 27.06 -8.05
C VAL A 63 -11.52 25.76 -8.38
N THR A 64 -10.50 25.44 -7.59
CA THR A 64 -9.65 24.28 -7.84
C THR A 64 -10.47 23.02 -7.55
N ILE A 65 -11.13 23.01 -6.39
CA ILE A 65 -11.97 21.93 -6.02
C ILE A 65 -13.07 21.69 -7.09
N GLY A 66 -13.61 22.79 -7.63
CA GLY A 66 -14.63 22.72 -8.69
C GLY A 66 -14.22 21.89 -9.89
N ILE A 67 -13.03 22.16 -10.42
CA ILE A 67 -12.57 21.50 -11.62
C ILE A 67 -12.27 20.07 -11.34
N VAL A 68 -11.84 19.77 -10.13
CA VAL A 68 -11.57 18.40 -9.77
C VAL A 68 -12.85 17.61 -9.59
N ARG A 69 -13.85 18.22 -8.93
CA ARG A 69 -15.11 17.56 -8.74
C ARG A 69 -15.65 17.19 -10.11
N GLU A 70 -15.58 18.11 -11.04
CA GLU A 70 -16.15 17.87 -12.38
C GLU A 70 -15.40 16.72 -13.10
N ARG A 71 -14.08 16.72 -12.94
CA ARG A 71 -13.26 15.77 -13.63
C ARG A 71 -13.48 14.37 -13.10
N LEU A 72 -13.55 14.25 -11.78
CA LEU A 72 -13.59 12.96 -11.12
C LEU A 72 -14.91 12.17 -11.30
N GLY A 73 -15.95 12.89 -11.60
CA GLY A 73 -17.27 12.31 -11.89
C GLY A 73 -17.37 11.56 -13.21
N LYS A 74 -16.48 11.87 -14.19
CA LYS A 74 -16.48 11.21 -15.51
C LYS A 74 -16.35 9.68 -15.45
N ASP A 75 -16.92 9.04 -16.48
CA ASP A 75 -16.96 7.58 -16.54
C ASP A 75 -15.56 6.98 -16.64
N ASP A 76 -14.60 7.77 -17.13
CA ASP A 76 -13.28 7.19 -17.30
C ASP A 76 -12.59 6.95 -15.99
N CYS A 77 -13.15 7.51 -14.90
CA CYS A 77 -12.67 7.33 -13.56
C CYS A 77 -13.37 6.23 -12.76
N GLU A 78 -14.31 5.52 -13.37
CA GLU A 78 -14.92 4.39 -12.76
C GLU A 78 -13.93 3.32 -12.33
N ARG A 79 -12.89 3.01 -13.11
CA ARG A 79 -12.03 1.88 -12.81
C ARG A 79 -10.70 2.35 -12.20
N GLY A 80 -10.63 3.60 -11.78
CA GLY A 80 -9.48 4.11 -11.05
C GLY A 80 -9.19 5.53 -11.46
N PHE A 81 -8.31 6.22 -10.72
CA PHE A 81 -7.79 7.50 -11.12
C PHE A 81 -6.51 7.88 -10.35
N LEU A 82 -5.78 8.85 -10.89
CA LEU A 82 -4.50 9.31 -10.28
C LEU A 82 -4.50 10.81 -10.21
N LEU A 83 -4.65 11.32 -9.01
CA LEU A 83 -4.62 12.74 -8.74
C LEU A 83 -3.16 13.12 -8.49
N ASP A 84 -2.71 14.11 -9.21
CA ASP A 84 -1.29 14.53 -9.18
C ASP A 84 -1.21 15.99 -8.86
N GLY A 85 -0.74 16.24 -7.65
CA GLY A 85 -0.68 17.60 -7.12
C GLY A 85 -1.96 18.27 -6.72
N PHE A 86 -2.98 17.43 -6.46
CA PHE A 86 -4.19 17.80 -5.73
C PHE A 86 -4.46 16.67 -4.80
N PRO A 87 -4.84 16.95 -3.56
CA PRO A 87 -4.99 18.22 -2.93
C PRO A 87 -3.68 18.86 -2.56
N ARG A 88 -3.66 20.18 -2.39
CA ARG A 88 -2.48 20.91 -1.93
C ARG A 88 -2.69 21.65 -0.62
N THR A 89 -3.91 21.58 -0.06
CA THR A 89 -4.22 22.24 1.19
C THR A 89 -5.20 21.27 1.87
N VAL A 90 -5.25 21.33 3.20
CA VAL A 90 -6.24 20.65 3.99
C VAL A 90 -7.66 20.89 3.54
N ALA A 91 -7.99 22.11 3.18
CA ALA A 91 -9.38 22.38 2.74
C ALA A 91 -9.71 21.60 1.46
N GLN A 92 -8.74 21.50 0.56
CA GLN A 92 -8.85 20.68 -0.65
C GLN A 92 -9.06 19.21 -0.34
N ALA A 93 -8.37 18.72 0.69
CA ALA A 93 -8.38 17.31 1.06
C ALA A 93 -9.74 17.00 1.71
N GLU A 94 -10.23 17.92 2.52
CA GLU A 94 -11.53 17.76 3.15
C GLU A 94 -12.66 17.73 2.09
N ALA A 95 -12.59 18.64 1.11
CA ALA A 95 -13.55 18.65 0.03
C ALA A 95 -13.44 17.40 -0.83
N LEU A 96 -12.22 16.94 -1.12
CA LEU A 96 -12.04 15.68 -1.85
C LEU A 96 -12.68 14.47 -1.17
N GLU A 97 -12.55 14.37 0.14
CA GLU A 97 -13.16 13.26 0.87
C GLU A 97 -14.69 13.24 0.61
N GLU A 98 -15.31 14.41 0.69
CA GLU A 98 -16.76 14.53 0.41
C GLU A 98 -17.13 14.17 -1.02
N ILE A 99 -16.37 14.71 -1.97
CA ILE A 99 -16.52 14.41 -3.35
C ILE A 99 -16.48 12.94 -3.63
N LEU A 100 -15.47 12.24 -3.10
CA LEU A 100 -15.34 10.80 -3.37
C LEU A 100 -16.42 9.93 -2.67
N GLU A 101 -16.90 10.42 -1.55
CA GLU A 101 -17.98 9.81 -0.81
C GLU A 101 -19.24 9.86 -1.69
N GLU A 102 -19.52 11.01 -2.26
CA GLU A 102 -20.70 11.09 -3.09
C GLU A 102 -20.68 10.15 -4.32
N ILE A 103 -19.57 10.05 -5.02
CA ILE A 103 -19.52 9.16 -6.14
C ILE A 103 -19.01 7.75 -5.87
N GLY A 104 -18.69 7.41 -4.62
CA GLY A 104 -18.33 6.03 -4.23
C GLY A 104 -16.97 5.59 -4.73
N ARG A 105 -16.02 6.52 -4.77
CA ARG A 105 -14.65 6.23 -5.24
C ARG A 105 -13.59 6.68 -4.22
N PRO A 106 -13.67 6.19 -2.96
CA PRO A 106 -12.70 6.57 -1.94
C PRO A 106 -11.27 6.23 -2.23
N ILE A 107 -10.40 7.06 -1.72
CA ILE A 107 -8.95 6.88 -1.91
C ILE A 107 -8.43 5.53 -1.34
N ASP A 108 -7.59 4.86 -2.12
CA ASP A 108 -6.84 3.68 -1.66
C ASP A 108 -5.60 4.15 -0.85
N TYR A 109 -4.67 4.87 -1.50
CA TYR A 109 -3.49 5.36 -0.77
C TYR A 109 -3.17 6.74 -1.28
N VAL A 110 -2.66 7.56 -0.37
CA VAL A 110 -1.94 8.78 -0.72
C VAL A 110 -0.45 8.48 -0.66
N ILE A 111 0.24 8.69 -1.78
CA ILE A 111 1.64 8.45 -1.93
C ILE A 111 2.44 9.77 -1.85
N HIS A 112 3.21 9.89 -0.81
CA HIS A 112 4.02 11.05 -0.56
C HIS A 112 5.40 10.72 -1.14
N ILE A 113 5.74 11.36 -2.25
CA ILE A 113 7.09 11.22 -2.85
C ILE A 113 7.99 12.23 -2.16
N GLU A 114 8.86 11.75 -1.29
CA GLU A 114 9.59 12.60 -0.33
C GLU A 114 10.94 12.95 -0.88
N VAL A 115 11.16 14.25 -1.06
CA VAL A 115 12.38 14.79 -1.57
C VAL A 115 12.72 16.02 -0.73
N ARG A 116 13.97 16.09 -0.33
CA ARG A 116 14.46 17.29 0.40
C ARG A 116 14.65 18.47 -0.51
N GLN A 117 14.34 19.67 0.03
CA GLN A 117 14.27 20.91 -0.73
C GLN A 117 15.56 21.32 -1.39
N ASP A 118 16.70 20.92 -0.82
CA ASP A 118 17.99 21.33 -1.31
C ASP A 118 18.40 20.70 -2.66
N VAL A 119 17.62 19.78 -3.20
CA VAL A 119 17.91 19.28 -4.56
C VAL A 119 16.86 19.79 -5.60
N LEU A 120 15.84 20.49 -5.12
CA LEU A 120 14.69 20.77 -5.97
C LEU A 120 14.95 21.94 -6.94
N MET A 121 15.76 22.94 -6.56
CA MET A 121 16.06 23.97 -7.54
C MET A 121 16.68 23.38 -8.82
N GLU A 122 17.67 22.55 -8.70
CA GLU A 122 18.30 21.95 -9.88
C GLU A 122 17.35 21.03 -10.67
N ARG A 123 16.50 20.33 -9.97
CA ARG A 123 15.44 19.50 -10.60
C ARG A 123 14.55 20.39 -11.46
N LEU A 124 14.13 21.55 -10.92
CA LEU A 124 13.14 22.31 -11.61
C LEU A 124 13.72 23.21 -12.71
N THR A 125 14.90 23.83 -12.50
CA THR A 125 15.39 24.66 -13.52
C THR A 125 15.89 23.88 -14.77
N GLY A 126 16.25 22.61 -14.58
CA GLY A 126 16.67 21.79 -15.76
C GLY A 126 15.54 20.93 -16.35
N ARG A 127 14.34 21.17 -15.89
CA ARG A 127 13.14 20.44 -16.33
C ARG A 127 12.77 20.92 -17.71
N ARG A 128 12.51 19.98 -18.60
CA ARG A 128 12.03 20.28 -19.93
C ARG A 128 10.84 19.36 -20.22
N ILE A 129 9.72 19.96 -20.71
CA ILE A 129 8.48 19.21 -20.94
C ILE A 129 8.03 19.37 -22.39
N CYS A 130 7.36 18.33 -22.86
CA CYS A 130 6.84 18.38 -24.23
C CYS A 130 5.59 19.29 -24.36
N ARG A 131 5.66 20.17 -25.35
CA ARG A 131 4.60 21.11 -25.69
C ARG A 131 3.30 20.39 -26.02
N ASN A 132 3.40 19.16 -26.49
CA ASN A 132 2.23 18.49 -27.02
C ASN A 132 1.63 17.49 -26.05
N CYS A 133 2.43 16.61 -25.48
CA CYS A 133 1.91 15.48 -24.71
C CYS A 133 2.29 15.61 -23.22
N GLY A 134 3.10 16.62 -22.91
CA GLY A 134 3.53 16.87 -21.50
C GLY A 134 4.52 15.93 -20.86
N ALA A 135 5.06 14.96 -21.62
CA ALA A 135 6.14 14.09 -21.18
C ALA A 135 7.31 14.94 -20.56
N THR A 136 7.79 14.49 -19.42
CA THR A 136 8.83 15.22 -18.62
C THR A 136 10.22 14.68 -18.77
N TYR A 137 11.19 15.60 -18.98
CA TYR A 137 12.61 15.26 -19.14
C TYR A 137 13.40 16.23 -18.22
N HIS A 138 14.68 15.93 -18.08
CA HIS A 138 15.63 16.77 -17.35
C HIS A 138 16.95 16.77 -18.09
N LEU A 139 17.55 17.97 -18.28
CA LEU A 139 18.70 18.02 -19.11
C LEU A 139 19.87 17.24 -18.57
N ILE A 140 19.95 17.05 -17.26
CA ILE A 140 21.01 16.23 -16.64
C ILE A 140 20.47 14.85 -16.30
N PHE A 141 19.42 14.81 -15.52
CA PHE A 141 18.95 13.51 -14.99
C PHE A 141 18.20 12.60 -15.91
N HIS A 142 17.59 13.10 -16.96
CA HIS A 142 16.70 12.29 -17.83
C HIS A 142 16.54 13.00 -19.19
N PRO A 143 17.62 13.06 -19.97
CA PRO A 143 17.55 13.83 -21.24
C PRO A 143 16.78 13.08 -22.32
N PRO A 144 16.13 13.80 -23.25
CA PRO A 144 15.58 13.06 -24.39
C PRO A 144 16.72 12.42 -25.26
N ALA A 145 16.35 11.43 -26.06
CA ALA A 145 17.30 10.82 -27.02
C ALA A 145 17.93 11.85 -27.97
N LYS A 146 17.08 12.71 -28.51
CA LYS A 146 17.50 13.84 -29.31
C LYS A 146 17.20 15.09 -28.62
N PRO A 147 18.18 16.00 -28.58
CA PRO A 147 17.94 17.23 -27.83
C PRO A 147 16.74 17.99 -28.31
N GLY A 148 15.90 18.34 -27.38
CA GLY A 148 14.80 19.25 -27.69
C GLY A 148 13.60 18.59 -28.31
N VAL A 149 13.60 17.26 -28.41
CA VAL A 149 12.55 16.47 -29.07
C VAL A 149 12.04 15.41 -28.12
N CYS A 150 10.73 15.40 -27.95
CA CYS A 150 10.06 14.42 -27.05
C CYS A 150 10.25 12.98 -27.61
N ASP A 151 10.71 12.04 -26.79
CA ASP A 151 10.84 10.63 -27.17
C ASP A 151 9.48 10.00 -27.50
N LYS A 152 8.38 10.56 -26.99
CA LYS A 152 7.06 9.92 -27.14
C LYS A 152 6.29 10.45 -28.32
N CYS A 153 6.26 11.76 -28.59
CA CYS A 153 5.48 12.17 -29.72
C CYS A 153 6.32 12.93 -30.78
N GLY A 154 7.61 13.14 -30.46
CA GLY A 154 8.50 13.95 -31.25
C GLY A 154 8.18 15.40 -31.18
N GLY A 155 7.34 15.84 -30.23
CA GLY A 155 7.09 17.29 -30.06
C GLY A 155 8.27 18.09 -29.57
N GLU A 156 8.16 19.41 -29.64
CA GLU A 156 9.26 20.23 -29.17
C GLU A 156 9.15 20.29 -27.60
N LEU A 157 10.30 20.24 -26.96
CA LEU A 157 10.36 20.49 -25.53
C LEU A 157 10.53 21.94 -25.19
N TYR A 158 10.04 22.34 -24.01
CA TYR A 158 10.18 23.70 -23.55
C TYR A 158 10.35 23.74 -22.03
N GLN A 159 10.73 24.92 -21.56
CA GLN A 159 10.88 25.20 -20.19
C GLN A 159 9.63 25.96 -19.69
N ARG A 160 8.90 25.35 -18.73
CA ARG A 160 7.80 26.07 -18.07
C ARG A 160 8.24 27.44 -17.59
N ALA A 161 7.38 28.43 -17.81
CA ALA A 161 7.69 29.76 -17.32
C ALA A 161 7.94 29.84 -15.84
N ASP A 162 7.23 29.04 -15.04
CA ASP A 162 7.39 29.04 -13.58
C ASP A 162 8.63 28.31 -13.01
N ASP A 163 9.40 27.64 -13.89
CA ASP A 163 10.64 26.93 -13.51
C ASP A 163 11.85 27.87 -13.62
N ASN A 164 11.68 29.06 -13.10
CA ASN A 164 12.75 30.08 -13.05
C ASN A 164 13.07 30.19 -11.62
N GLU A 165 14.30 30.60 -11.32
CA GLU A 165 14.83 30.54 -9.95
C GLU A 165 13.98 31.29 -8.93
N GLU A 166 13.53 32.50 -9.27
CA GLU A 166 12.73 33.27 -8.30
C GLU A 166 11.38 32.59 -8.01
N THR A 167 10.67 32.20 -9.06
CA THR A 167 9.37 31.57 -8.88
C THR A 167 9.52 30.22 -8.23
N VAL A 168 10.58 29.49 -8.56
CA VAL A 168 10.82 28.23 -7.82
C VAL A 168 10.93 28.46 -6.33
N ALA A 169 11.71 29.46 -5.89
CA ALA A 169 11.86 29.69 -4.49
C ALA A 169 10.51 30.00 -3.83
N LYS A 170 9.66 30.73 -4.50
CA LYS A 170 8.31 30.99 -3.96
C LYS A 170 7.44 29.72 -3.86
N ARG A 171 7.42 28.92 -4.93
CA ARG A 171 6.67 27.68 -4.95
C ARG A 171 7.09 26.79 -3.81
N LEU A 172 8.40 26.70 -3.53
CA LEU A 172 8.87 25.81 -2.45
C LEU A 172 8.34 26.29 -1.12
N GLU A 173 8.41 27.59 -0.86
CA GLU A 173 7.94 28.15 0.40
C GLU A 173 6.44 27.91 0.56
N VAL A 174 5.69 28.18 -0.49
CA VAL A 174 4.23 28.16 -0.42
C VAL A 174 3.76 26.77 -0.21
N ASN A 175 4.39 25.84 -0.89
CA ASN A 175 3.94 24.42 -0.79
C ASN A 175 4.47 23.73 0.45
N MET A 176 5.70 24.10 0.86
CA MET A 176 6.22 23.55 2.11
C MET A 176 5.30 23.89 3.27
N LYS A 177 4.78 25.10 3.32
CA LYS A 177 3.89 25.53 4.35
C LYS A 177 2.64 24.70 4.44
N GLN A 178 2.14 24.25 3.32
CA GLN A 178 0.92 23.39 3.26
C GLN A 178 1.16 21.92 3.59
N MET A 179 2.42 21.48 3.60
CA MET A 179 2.76 20.07 3.63
C MET A 179 2.50 19.42 4.92
N LYS A 180 3.04 19.95 6.00
CA LYS A 180 2.88 19.27 7.30
C LYS A 180 1.40 19.13 7.61
N PRO A 181 0.55 20.18 7.43
CA PRO A 181 -0.88 19.98 7.77
C PRO A 181 -1.57 18.91 6.92
N LEU A 182 -1.20 18.87 5.66
CA LEU A 182 -1.80 17.96 4.71
C LEU A 182 -1.30 16.55 4.96
N LEU A 183 -0.02 16.40 5.24
CA LEU A 183 0.54 15.08 5.61
C LEU A 183 -0.09 14.54 6.89
N ASP A 184 -0.28 15.42 7.88
CA ASP A 184 -0.85 15.04 9.17
C ASP A 184 -2.30 14.63 8.94
N PHE A 185 -3.02 15.39 8.11
CA PHE A 185 -4.38 15.01 7.76
C PHE A 185 -4.46 13.57 7.30
N TYR A 186 -3.68 13.21 6.32
CA TYR A 186 -3.76 11.86 5.78
C TYR A 186 -3.09 10.83 6.69
N GLU A 187 -2.06 11.24 7.43
CA GLU A 187 -1.49 10.30 8.38
C GLU A 187 -2.56 9.83 9.39
N GLN A 188 -3.40 10.77 9.82
CA GLN A 188 -4.47 10.49 10.78
C GLN A 188 -5.50 9.60 10.13
N LYS A 189 -5.79 9.81 8.86
CA LYS A 189 -6.66 8.87 8.11
C LYS A 189 -6.16 7.41 8.04
N GLY A 190 -4.85 7.26 8.00
CA GLY A 190 -4.23 5.94 8.01
C GLY A 190 -3.64 5.43 6.72
N TYR A 191 -3.97 6.08 5.57
CA TYR A 191 -3.55 5.61 4.27
C TYR A 191 -2.53 6.45 3.57
N LEU A 192 -1.79 7.28 4.35
CA LEU A 192 -0.63 7.93 3.81
C LEU A 192 0.53 6.92 3.76
N ARG A 193 1.21 6.88 2.62
CA ARG A 193 2.42 6.10 2.50
C ARG A 193 3.55 6.97 1.90
N ASN A 194 4.75 6.75 2.37
CA ASN A 194 5.89 7.53 1.92
C ASN A 194 6.79 6.71 0.97
N VAL A 195 7.33 7.39 -0.04
CA VAL A 195 8.23 6.83 -0.98
C VAL A 195 9.41 7.72 -0.97
N ASN A 196 10.61 7.14 -0.92
CA ASN A 196 11.82 8.00 -1.03
C ASN A 196 12.01 8.40 -2.48
N GLY A 197 11.82 9.69 -2.75
CA GLY A 197 12.01 10.19 -4.10
C GLY A 197 13.39 10.59 -4.50
N GLN A 198 14.34 10.49 -3.59
CA GLN A 198 15.79 10.70 -3.91
C GLN A 198 16.46 9.35 -4.16
N GLN A 199 16.03 8.76 -5.27
CA GLN A 199 16.59 7.57 -5.88
C GLN A 199 16.50 7.77 -7.37
N ASP A 200 17.17 6.93 -8.15
CA ASP A 200 16.98 6.92 -9.59
C ASP A 200 15.51 6.77 -9.85
N MET A 201 15.03 7.40 -10.90
CA MET A 201 13.56 7.36 -11.25
C MET A 201 12.99 5.96 -11.32
N GLN A 202 13.74 5.04 -11.95
CA GLN A 202 13.35 3.63 -11.99
C GLN A 202 13.17 2.97 -10.62
N ASP A 203 14.01 3.28 -9.66
CA ASP A 203 13.90 2.72 -8.34
C ASP A 203 12.75 3.35 -7.58
N VAL A 204 12.52 4.66 -7.77
CA VAL A 204 11.37 5.27 -7.21
C VAL A 204 10.12 4.53 -7.77
N PHE A 205 10.06 4.31 -9.11
CA PHE A 205 8.91 3.61 -9.70
C PHE A 205 8.72 2.18 -9.17
N ALA A 206 9.82 1.52 -8.97
CA ALA A 206 9.77 0.17 -8.33
C ALA A 206 9.10 0.22 -6.98
N ASP A 207 9.42 1.23 -6.19
CA ASP A 207 8.79 1.34 -4.86
C ASP A 207 7.33 1.66 -5.00
N VAL A 208 6.98 2.50 -5.97
CA VAL A 208 5.57 2.85 -6.20
C VAL A 208 4.77 1.62 -6.64
N ARG A 209 5.33 0.87 -7.60
CA ARG A 209 4.67 -0.33 -8.11
C ARG A 209 4.42 -1.33 -7.01
N GLU A 210 5.40 -1.52 -6.14
CA GLU A 210 5.29 -2.49 -5.04
C GLU A 210 4.23 -2.11 -4.01
N LEU A 211 4.08 -0.82 -3.77
CA LEU A 211 2.97 -0.36 -2.97
C LEU A 211 1.61 -0.58 -3.71
N LEU A 212 1.53 -0.33 -5.00
CA LEU A 212 0.25 -0.50 -5.72
C LEU A 212 -0.17 -1.91 -5.96
N GLY A 213 0.73 -2.86 -5.73
CA GLY A 213 0.55 -4.23 -6.11
C GLY A 213 -0.57 -4.86 -5.34
N GLY A 214 -0.95 -4.31 -4.19
CA GLY A 214 -2.10 -4.84 -3.45
C GLY A 214 -3.48 -4.42 -3.97
N LEU A 215 -3.49 -3.54 -4.97
CA LEU A 215 -4.72 -3.08 -5.55
C LEU A 215 -5.11 -3.77 -6.82
N LYS A 216 -6.39 -3.85 -7.09
CA LYS A 216 -6.88 -4.37 -8.35
C LYS A 216 -6.62 -3.43 -9.51
N ARG A 217 -6.28 -3.99 -10.64
CA ARG A 217 -6.06 -3.16 -11.83
C ARG A 217 -7.20 -3.27 -12.80
N MET B 1 -6.07 -33.11 10.48
CA MET B 1 -5.31 -32.26 11.40
C MET B 1 -5.98 -30.92 11.39
N ASN B 2 -6.41 -30.51 12.56
CA ASN B 2 -7.04 -29.19 12.73
C ASN B 2 -6.00 -28.34 13.51
N LEU B 3 -5.45 -27.36 12.83
CA LEU B 3 -4.27 -26.74 13.34
C LEU B 3 -4.48 -25.25 13.37
N VAL B 4 -3.79 -24.64 14.30
CA VAL B 4 -3.70 -23.19 14.40
C VAL B 4 -2.22 -22.80 14.44
N LEU B 5 -1.87 -21.78 13.68
CA LEU B 5 -0.52 -21.14 13.73
C LEU B 5 -0.63 -19.84 14.46
N MET B 6 0.14 -19.69 15.51
CA MET B 6 0.18 -18.40 16.16
C MET B 6 1.65 -17.99 16.41
N GLY B 7 1.82 -16.70 16.56
CA GLY B 7 3.12 -16.07 16.75
C GLY B 7 3.00 -14.65 16.31
N LEU B 8 3.99 -13.87 16.65
CA LEU B 8 4.01 -12.47 16.31
C LEU B 8 4.06 -12.19 14.81
N PRO B 9 3.69 -10.97 14.40
CA PRO B 9 3.78 -10.56 13.05
C PRO B 9 5.25 -10.80 12.64
N GLY B 10 5.39 -11.50 11.52
CA GLY B 10 6.70 -11.81 10.98
C GLY B 10 7.43 -13.03 11.55
N ALA B 11 6.74 -13.79 12.38
CA ALA B 11 7.34 -14.95 13.02
C ALA B 11 7.61 -16.12 12.01
N GLY B 12 6.94 -16.09 10.85
CA GLY B 12 7.10 -17.15 9.86
C GLY B 12 5.90 -18.02 9.66
N LYS B 13 4.74 -17.57 10.18
CA LYS B 13 3.53 -18.38 10.00
C LYS B 13 3.16 -18.66 8.55
N GLY B 14 3.08 -17.67 7.72
CA GLY B 14 2.77 -17.84 6.30
C GLY B 14 3.77 -18.71 5.58
N THR B 15 5.03 -18.53 5.94
CA THR B 15 6.14 -19.29 5.35
C THR B 15 5.96 -20.77 5.72
N GLN B 16 5.68 -21.06 6.99
CA GLN B 16 5.51 -22.43 7.36
C GLN B 16 4.24 -23.00 6.75
N ALA B 17 3.21 -22.13 6.67
CA ALA B 17 1.94 -22.56 6.11
C ALA B 17 2.11 -23.10 4.67
N GLU B 18 2.90 -22.38 3.85
CA GLU B 18 3.17 -22.85 2.44
C GLU B 18 3.62 -24.32 2.45
N ARG B 19 4.53 -24.64 3.37
CA ARG B 19 5.10 -26.05 3.49
C ARG B 19 4.12 -27.05 4.08
N ILE B 20 3.36 -26.65 5.09
CA ILE B 20 2.34 -27.54 5.66
C ILE B 20 1.27 -27.86 4.63
N VAL B 21 0.87 -26.86 3.86
CA VAL B 21 -0.19 -27.15 2.92
C VAL B 21 0.35 -28.06 1.87
N GLU B 22 1.56 -27.79 1.40
CA GLU B 22 2.11 -28.58 0.36
C GLU B 22 2.34 -30.01 0.83
N ALA B 23 2.67 -30.21 2.10
CA ALA B 23 2.95 -31.57 2.62
C ALA B 23 1.73 -32.34 3.06
N TYR B 24 0.71 -31.65 3.54
CA TYR B 24 -0.47 -32.28 4.13
C TYR B 24 -1.79 -32.00 3.37
N GLY B 25 -1.79 -31.12 2.37
CA GLY B 25 -3.02 -30.77 1.65
C GLY B 25 -4.24 -30.51 2.54
N ILE B 26 -4.11 -29.58 3.47
CA ILE B 26 -5.25 -29.04 4.20
C ILE B 26 -5.33 -27.60 3.78
N PRO B 27 -6.51 -26.99 3.90
CA PRO B 27 -6.60 -25.63 3.40
C PRO B 27 -6.01 -24.61 4.38
N HIS B 28 -5.39 -23.60 3.78
CA HIS B 28 -4.81 -22.50 4.55
C HIS B 28 -5.88 -21.43 4.69
N ILE B 29 -6.24 -21.15 5.93
CA ILE B 29 -7.21 -20.13 6.28
C ILE B 29 -6.51 -18.99 7.04
N SER B 30 -6.30 -17.93 6.30
CA SER B 30 -5.57 -16.75 6.78
C SER B 30 -6.52 -15.57 6.83
N THR B 31 -6.83 -15.06 8.01
CA THR B 31 -7.69 -13.91 8.14
C THR B 31 -7.09 -12.67 7.47
N GLY B 32 -5.79 -12.48 7.65
CA GLY B 32 -5.14 -11.40 6.88
C GLY B 32 -5.34 -11.49 5.37
N ASP B 33 -5.24 -12.68 4.80
CA ASP B 33 -5.39 -12.87 3.37
C ASP B 33 -6.85 -12.60 2.93
N MET B 34 -7.78 -13.04 3.79
CA MET B 34 -9.18 -12.88 3.50
C MET B 34 -9.50 -11.40 3.54
N PHE B 35 -8.98 -10.66 4.51
CA PHE B 35 -9.21 -9.20 4.58
C PHE B 35 -8.55 -8.45 3.36
N ARG B 36 -7.34 -8.83 3.01
CA ARG B 36 -6.62 -8.20 1.89
C ARG B 36 -7.37 -8.44 0.57
N ALA B 37 -7.87 -9.66 0.39
CA ALA B 37 -8.71 -9.91 -0.77
C ALA B 37 -9.96 -9.08 -0.88
N ALA B 38 -10.71 -8.98 0.23
CA ALA B 38 -11.89 -8.11 0.30
C ALA B 38 -11.59 -6.66 0.05
N MET B 39 -10.48 -6.18 0.57
CA MET B 39 -10.10 -4.76 0.36
C MET B 39 -9.73 -4.48 -1.11
N LYS B 40 -9.07 -5.44 -1.75
CA LYS B 40 -8.68 -5.36 -3.16
C LYS B 40 -9.90 -5.28 -4.10
N GLU B 41 -10.92 -6.02 -3.74
CA GLU B 41 -12.14 -6.11 -4.49
C GLU B 41 -13.00 -4.92 -4.13
N GLY B 42 -12.74 -4.32 -2.98
CA GLY B 42 -13.45 -3.08 -2.60
C GLY B 42 -14.86 -3.23 -2.04
N THR B 43 -15.14 -4.38 -1.43
CA THR B 43 -16.39 -4.66 -0.79
C THR B 43 -16.58 -3.85 0.46
N PRO B 44 -17.85 -3.72 0.93
CA PRO B 44 -17.99 -2.95 2.19
C PRO B 44 -17.20 -3.49 3.41
N LEU B 45 -17.11 -4.79 3.48
CA LEU B 45 -16.35 -5.39 4.54
C LEU B 45 -14.86 -5.10 4.37
N GLY B 46 -14.37 -5.24 3.15
CA GLY B 46 -12.96 -4.97 2.83
C GLY B 46 -12.60 -3.54 3.16
N LEU B 47 -13.49 -2.60 2.81
CA LEU B 47 -13.12 -1.17 3.01
C LEU B 47 -13.26 -0.76 4.51
N GLN B 48 -14.20 -1.35 5.18
CA GLN B 48 -14.17 -1.27 6.62
C GLN B 48 -12.91 -1.89 7.35
N ALA B 49 -12.57 -3.15 7.01
CA ALA B 49 -11.32 -3.78 7.47
C ALA B 49 -10.11 -2.89 7.14
N LYS B 50 -10.16 -2.23 5.98
CA LYS B 50 -9.05 -1.40 5.50
C LYS B 50 -8.62 -0.42 6.54
N GLN B 51 -9.60 0.22 7.18
CA GLN B 51 -9.31 1.32 8.10
C GLN B 51 -8.39 0.83 9.22
N TYR B 52 -8.63 -0.41 9.66
CA TYR B 52 -7.88 -1.01 10.77
C TYR B 52 -6.52 -1.49 10.25
N MET B 53 -6.54 -2.19 9.12
CA MET B 53 -5.33 -2.81 8.59
C MET B 53 -4.25 -1.76 8.25
N ASP B 54 -4.72 -0.63 7.75
CA ASP B 54 -3.79 0.41 7.33
C ASP B 54 -3.16 1.10 8.49
N ARG B 55 -3.79 1.08 9.67
CA ARG B 55 -3.14 1.58 10.89
C ARG B 55 -2.40 0.54 11.71
N GLY B 56 -2.49 -0.74 11.34
CA GLY B 56 -1.92 -1.80 12.10
C GLY B 56 -2.74 -2.24 13.32
N ASP B 57 -4.03 -1.85 13.32
CA ASP B 57 -4.94 -2.27 14.37
C ASP B 57 -5.61 -3.54 13.99
N LEU B 58 -6.14 -4.23 14.98
CA LEU B 58 -6.96 -5.43 14.77
C LEU B 58 -8.32 -5.02 14.22
N VAL B 59 -8.80 -5.76 13.25
CA VAL B 59 -10.20 -5.64 12.81
C VAL B 59 -11.13 -6.12 13.94
N PRO B 60 -12.27 -5.40 14.14
CA PRO B 60 -13.13 -5.78 15.21
C PRO B 60 -13.57 -7.24 15.21
N ASP B 61 -13.70 -7.79 16.42
CA ASP B 61 -14.05 -9.16 16.61
C ASP B 61 -15.31 -9.52 15.92
N GLU B 62 -16.37 -8.67 15.93
CA GLU B 62 -17.61 -9.07 15.30
C GLU B 62 -17.35 -9.44 13.82
N VAL B 63 -16.64 -8.61 13.08
CA VAL B 63 -16.36 -8.86 11.69
C VAL B 63 -15.47 -10.10 11.53
N THR B 64 -14.39 -10.14 12.30
CA THR B 64 -13.35 -11.16 12.16
C THR B 64 -13.91 -12.51 12.47
N ILE B 65 -14.56 -12.66 13.63
CA ILE B 65 -15.12 -13.97 14.00
C ILE B 65 -16.15 -14.46 12.95
N GLY B 66 -16.93 -13.50 12.45
CA GLY B 66 -17.97 -13.85 11.50
C GLY B 66 -17.39 -14.45 10.21
N ILE B 67 -16.28 -13.91 9.72
CA ILE B 67 -15.72 -14.46 8.46
C ILE B 67 -15.11 -15.87 8.70
N VAL B 68 -14.56 -16.10 9.88
CA VAL B 68 -13.92 -17.39 10.19
C VAL B 68 -14.99 -18.42 10.41
N ARG B 69 -16.08 -18.01 11.06
CA ARG B 69 -17.16 -18.97 11.34
C ARG B 69 -17.67 -19.53 10.02
N GLU B 70 -17.92 -18.65 9.06
CA GLU B 70 -18.46 -19.03 7.73
C GLU B 70 -17.43 -19.92 7.00
N ARG B 71 -16.17 -19.50 7.05
CA ARG B 71 -15.11 -20.18 6.29
C ARG B 71 -14.82 -21.57 6.76
N LEU B 72 -14.88 -21.82 8.06
CA LEU B 72 -14.54 -23.13 8.62
C LEU B 72 -15.65 -24.13 8.47
N GLY B 73 -16.85 -23.64 8.25
CA GLY B 73 -17.96 -24.50 8.01
C GLY B 73 -17.98 -25.19 6.65
N LYS B 74 -17.12 -24.77 5.71
CA LYS B 74 -17.06 -25.36 4.36
C LYS B 74 -16.59 -26.81 4.29
N ASP B 75 -16.96 -27.45 3.20
CA ASP B 75 -16.61 -28.86 2.98
C ASP B 75 -15.11 -29.09 2.88
N ASP B 76 -14.36 -28.07 2.45
CA ASP B 76 -12.95 -28.31 2.22
C ASP B 76 -12.22 -28.42 3.55
N CYS B 77 -12.86 -28.09 4.68
CA CYS B 77 -12.30 -28.21 6.02
C CYS B 77 -12.64 -29.49 6.77
N GLU B 78 -13.43 -30.37 6.17
CA GLU B 78 -13.83 -31.64 6.78
C GLU B 78 -12.67 -32.54 7.27
N ARG B 79 -11.61 -32.53 6.49
CA ARG B 79 -10.48 -33.42 6.66
C ARG B 79 -9.35 -32.74 7.42
N GLY B 80 -9.45 -31.44 7.57
CA GLY B 80 -8.41 -30.71 8.29
C GLY B 80 -8.40 -29.30 7.85
N PHE B 81 -7.67 -28.48 8.58
CA PHE B 81 -7.51 -27.06 8.25
C PHE B 81 -6.29 -26.48 8.97
N LEU B 82 -5.81 -25.36 8.44
CA LEU B 82 -4.66 -24.60 8.98
C LEU B 82 -5.05 -23.13 9.13
N LEU B 83 -5.41 -22.71 10.33
CA LEU B 83 -5.74 -21.35 10.61
C LEU B 83 -4.45 -20.63 10.85
N ASP B 84 -4.33 -19.43 10.36
CA ASP B 84 -3.09 -18.63 10.42
C ASP B 84 -3.51 -17.21 10.78
N GLY B 85 -3.11 -16.76 11.96
CA GLY B 85 -3.33 -15.36 12.35
C GLY B 85 -4.70 -15.17 12.96
N PHE B 86 -5.38 -16.28 13.19
CA PHE B 86 -6.65 -16.27 14.00
C PHE B 86 -6.57 -17.47 14.86
N PRO B 87 -6.89 -17.33 16.19
CA PRO B 87 -7.29 -16.10 16.92
C PRO B 87 -6.14 -15.16 17.32
N ARG B 88 -6.46 -13.91 17.44
CA ARG B 88 -5.59 -12.80 17.88
C ARG B 88 -6.11 -12.12 19.19
N THR B 89 -7.13 -12.71 19.82
CA THR B 89 -7.63 -12.15 21.09
C THR B 89 -8.20 -13.35 21.79
N VAL B 90 -8.27 -13.22 23.10
CA VAL B 90 -8.78 -14.34 23.89
C VAL B 90 -10.24 -14.58 23.51
N ALA B 91 -10.97 -13.49 23.29
CA ALA B 91 -12.34 -13.47 22.85
C ALA B 91 -12.48 -14.30 21.54
N GLN B 92 -11.62 -14.03 20.56
CA GLN B 92 -11.58 -14.86 19.37
C GLN B 92 -11.35 -16.37 19.65
N ALA B 93 -10.41 -16.71 20.53
CA ALA B 93 -10.12 -18.10 20.82
C ALA B 93 -11.36 -18.83 21.51
N GLU B 94 -11.96 -18.13 22.44
CA GLU B 94 -13.21 -18.57 23.10
C GLU B 94 -14.33 -18.82 22.07
N ALA B 95 -14.56 -17.81 21.20
CA ALA B 95 -15.53 -17.95 20.10
C ALA B 95 -15.21 -19.20 19.22
N LEU B 96 -13.91 -19.40 18.91
CA LEU B 96 -13.47 -20.48 18.05
C LEU B 96 -13.69 -21.83 18.69
N GLU B 97 -13.58 -21.92 20.01
CA GLU B 97 -13.91 -23.20 20.69
C GLU B 97 -15.35 -23.64 20.33
N GLU B 98 -16.25 -22.68 20.40
CA GLU B 98 -17.71 -22.96 20.17
C GLU B 98 -17.99 -23.20 18.68
N ILE B 99 -17.37 -22.39 17.83
CA ILE B 99 -17.43 -22.59 16.38
C ILE B 99 -17.04 -23.99 16.03
N LEU B 100 -15.95 -24.47 16.63
CA LEU B 100 -15.46 -25.79 16.28
C LEU B 100 -16.27 -26.96 16.90
N GLU B 101 -16.78 -26.78 18.11
CA GLU B 101 -17.67 -27.74 18.73
C GLU B 101 -18.95 -27.89 17.92
N GLU B 102 -19.55 -26.77 17.55
CA GLU B 102 -20.73 -26.75 16.67
C GLU B 102 -20.59 -27.60 15.41
N ILE B 103 -19.45 -27.51 14.72
CA ILE B 103 -19.23 -28.33 13.49
C ILE B 103 -18.36 -29.62 13.69
N GLY B 104 -17.98 -29.96 14.91
CA GLY B 104 -17.24 -31.21 15.13
C GLY B 104 -15.82 -31.24 14.52
N ARG B 105 -15.12 -30.11 14.55
CA ARG B 105 -13.73 -29.99 14.03
C ARG B 105 -12.83 -29.27 15.06
N PRO B 106 -12.77 -29.82 16.28
CA PRO B 106 -11.94 -29.29 17.37
C PRO B 106 -10.42 -29.33 17.08
N ILE B 107 -9.74 -28.36 17.67
CA ILE B 107 -8.30 -28.17 17.45
C ILE B 107 -7.49 -29.40 17.89
N ASP B 108 -6.52 -29.81 17.08
CA ASP B 108 -5.49 -30.75 17.54
C ASP B 108 -4.32 -29.99 18.23
N TYR B 109 -3.58 -29.16 17.48
CA TYR B 109 -2.49 -28.38 18.03
C TYR B 109 -2.58 -26.92 17.66
N VAL B 110 -2.29 -26.04 18.60
CA VAL B 110 -1.94 -24.66 18.30
C VAL B 110 -0.41 -24.65 18.31
N ILE B 111 0.16 -24.36 17.15
CA ILE B 111 1.62 -24.37 16.92
C ILE B 111 2.05 -22.95 17.09
N HIS B 112 2.76 -22.66 18.20
CA HIS B 112 3.34 -21.35 18.48
C HIS B 112 4.75 -21.23 17.86
N ILE B 113 4.86 -20.42 16.80
CA ILE B 113 6.13 -20.17 16.12
C ILE B 113 6.78 -18.98 16.81
N GLU B 114 7.76 -19.32 17.64
CA GLU B 114 8.28 -18.39 18.66
C GLU B 114 9.49 -17.67 18.09
N VAL B 115 9.41 -16.36 17.99
CA VAL B 115 10.53 -15.52 17.45
C VAL B 115 10.59 -14.30 18.33
N ARG B 116 11.79 -13.88 18.67
CA ARG B 116 11.94 -12.62 19.41
C ARG B 116 11.66 -11.36 18.65
N GLN B 117 11.15 -10.36 19.36
CA GLN B 117 10.70 -9.14 18.76
C GLN B 117 11.74 -8.38 18.00
N ASP B 118 12.98 -8.50 18.41
CA ASP B 118 13.99 -7.57 17.96
C ASP B 118 14.45 -7.88 16.51
N VAL B 119 14.05 -9.04 15.94
CA VAL B 119 14.35 -9.44 14.53
C VAL B 119 13.15 -9.21 13.62
N LEU B 120 12.01 -8.81 14.18
CA LEU B 120 10.77 -8.77 13.35
C LEU B 120 10.71 -7.60 12.45
N MET B 121 11.25 -6.43 12.85
CA MET B 121 11.19 -5.26 11.98
C MET B 121 11.96 -5.56 10.66
N GLU B 122 13.12 -6.14 10.75
CA GLU B 122 13.89 -6.45 9.54
C GLU B 122 13.16 -7.50 8.71
N ARG B 123 12.59 -8.51 9.36
CA ARG B 123 11.78 -9.52 8.58
C ARG B 123 10.64 -8.86 7.83
N LEU B 124 9.89 -8.00 8.51
CA LEU B 124 8.67 -7.47 7.89
C LEU B 124 8.94 -6.44 6.82
N THR B 125 9.86 -5.50 7.03
CA THR B 125 10.11 -4.48 6.08
C THR B 125 10.77 -5.01 4.80
N GLY B 126 11.46 -6.17 4.88
CA GLY B 126 12.01 -6.84 3.73
C GLY B 126 11.08 -7.85 3.00
N ARG B 127 9.89 -8.05 3.54
CA ARG B 127 8.91 -9.00 3.03
C ARG B 127 8.34 -8.54 1.70
N ARG B 128 8.34 -9.44 0.73
CA ARG B 128 7.68 -9.24 -0.57
C ARG B 128 6.84 -10.43 -0.88
N ILE B 129 5.63 -10.17 -1.41
CA ILE B 129 4.71 -11.29 -1.58
C ILE B 129 4.15 -11.32 -2.94
N CYS B 130 3.89 -12.50 -3.47
CA CYS B 130 3.31 -12.66 -4.82
C CYS B 130 1.84 -12.20 -4.91
N ARG B 131 1.56 -11.33 -5.91
CA ARG B 131 0.21 -10.81 -6.19
C ARG B 131 -0.76 -11.93 -6.42
N ASN B 132 -0.34 -12.98 -7.05
CA ASN B 132 -1.33 -13.90 -7.59
C ASN B 132 -1.32 -15.21 -6.89
N CYS B 133 -0.47 -15.39 -5.92
CA CYS B 133 -0.62 -16.60 -5.13
C CYS B 133 -0.31 -16.37 -3.66
N GLY B 134 0.26 -15.23 -3.32
CA GLY B 134 0.57 -14.93 -1.91
C GLY B 134 1.81 -15.63 -1.41
N ALA B 135 2.61 -16.25 -2.27
CA ALA B 135 3.88 -16.82 -1.85
C ALA B 135 4.76 -15.68 -1.29
N THR B 136 5.51 -16.03 -0.24
CA THR B 136 6.26 -15.06 0.57
C THR B 136 7.77 -15.18 0.38
N TYR B 137 8.38 -14.03 0.14
CA TYR B 137 9.83 -13.83 0.01
C TYR B 137 10.34 -12.79 0.98
N HIS B 138 11.66 -12.76 1.10
CA HIS B 138 12.36 -11.71 1.79
C HIS B 138 13.53 -11.21 0.94
N LEU B 139 13.70 -9.89 0.83
CA LEU B 139 14.74 -9.39 -0.09
C LEU B 139 16.15 -9.91 0.26
N ILE B 140 16.39 -10.13 1.55
CA ILE B 140 17.69 -10.61 2.03
C ILE B 140 17.66 -12.08 2.32
N PHE B 141 16.67 -12.52 3.10
CA PHE B 141 16.80 -13.83 3.68
C PHE B 141 16.25 -14.94 2.81
N HIS B 142 15.38 -14.62 1.85
CA HIS B 142 14.77 -15.61 0.99
C HIS B 142 14.27 -14.98 -0.32
N PRO B 143 15.23 -14.54 -1.16
CA PRO B 143 14.86 -13.78 -2.37
C PRO B 143 14.31 -14.67 -3.44
N PRO B 144 13.53 -14.08 -4.36
CA PRO B 144 12.96 -14.83 -5.48
C PRO B 144 14.11 -15.26 -6.43
N ALA B 145 13.88 -16.30 -7.26
CA ALA B 145 14.85 -16.63 -8.35
C ALA B 145 15.23 -15.42 -9.26
N LYS B 146 14.24 -14.59 -9.64
CA LYS B 146 14.57 -13.30 -10.27
C LYS B 146 13.78 -12.18 -9.67
N PRO B 147 14.39 -11.02 -9.57
CA PRO B 147 13.82 -9.92 -8.86
C PRO B 147 12.38 -9.61 -9.29
N GLY B 148 11.52 -9.47 -8.31
CA GLY B 148 10.23 -8.93 -8.53
C GLY B 148 9.26 -9.92 -9.05
N VAL B 149 9.68 -11.21 -9.23
CA VAL B 149 8.89 -12.23 -9.80
C VAL B 149 8.82 -13.45 -8.84
N CYS B 150 7.64 -13.95 -8.64
CA CYS B 150 7.42 -15.12 -7.86
C CYS B 150 7.98 -16.37 -8.59
N ASP B 151 8.68 -17.20 -7.84
CA ASP B 151 9.10 -18.53 -8.29
C ASP B 151 7.97 -19.47 -8.69
N LYS B 152 6.77 -19.32 -8.12
CA LYS B 152 5.76 -20.39 -8.23
C LYS B 152 4.69 -20.16 -9.29
N CYS B 153 4.36 -18.92 -9.57
CA CYS B 153 3.39 -18.63 -10.59
C CYS B 153 3.82 -17.49 -11.55
N GLY B 154 4.98 -16.86 -11.24
CA GLY B 154 5.53 -15.80 -12.03
C GLY B 154 4.74 -14.55 -11.90
N GLY B 155 3.89 -14.43 -10.89
CA GLY B 155 3.22 -13.22 -10.66
C GLY B 155 4.22 -12.16 -10.19
N GLU B 156 3.75 -10.94 -10.12
CA GLU B 156 4.60 -9.88 -9.59
C GLU B 156 4.68 -9.89 -8.07
N LEU B 157 5.86 -9.55 -7.52
CA LEU B 157 5.92 -9.41 -6.07
C LEU B 157 5.62 -7.99 -5.71
N TYR B 158 4.99 -7.82 -4.57
CA TYR B 158 4.72 -6.54 -4.03
C TYR B 158 4.96 -6.42 -2.54
N GLN B 159 4.85 -5.18 -2.03
CA GLN B 159 5.04 -4.89 -0.63
C GLN B 159 3.68 -4.61 0.02
N ARG B 160 3.26 -5.46 0.95
CA ARG B 160 2.06 -5.15 1.71
C ARG B 160 2.07 -3.68 2.28
N ALA B 161 0.88 -3.07 2.24
CA ALA B 161 0.75 -1.69 2.74
C ALA B 161 1.01 -1.52 4.24
N ASP B 162 1.00 -2.63 5.00
CA ASP B 162 1.31 -2.60 6.43
C ASP B 162 2.75 -2.99 6.79
N ASP B 163 3.62 -3.24 5.79
CA ASP B 163 4.94 -3.78 6.06
C ASP B 163 5.98 -2.63 6.05
N ASN B 164 5.54 -1.41 6.15
CA ASN B 164 6.50 -0.34 6.31
C ASN B 164 6.84 -0.16 7.77
N GLU B 165 7.98 0.51 8.06
CA GLU B 165 8.43 0.65 9.45
C GLU B 165 7.40 1.24 10.41
N GLU B 166 6.71 2.26 9.97
CA GLU B 166 5.75 2.91 10.84
C GLU B 166 4.59 1.96 11.23
N THR B 167 4.01 1.30 10.24
CA THR B 167 2.84 0.45 10.48
C THR B 167 3.28 -0.80 11.24
N VAL B 168 4.46 -1.30 10.91
CA VAL B 168 5.08 -2.42 11.67
C VAL B 168 5.18 -2.08 13.14
N ALA B 169 5.69 -0.93 13.50
CA ALA B 169 5.81 -0.61 14.92
C ALA B 169 4.46 -0.71 15.64
N LYS B 170 3.43 -0.20 14.98
CA LYS B 170 2.08 -0.21 15.57
C LYS B 170 1.56 -1.64 15.73
N ARG B 171 1.78 -2.46 14.71
CA ARG B 171 1.32 -3.83 14.73
C ARG B 171 2.02 -4.62 15.85
N LEU B 172 3.30 -4.32 16.07
CA LEU B 172 4.02 -5.07 17.08
C LEU B 172 3.49 -4.70 18.45
N GLU B 173 3.23 -3.41 18.68
CA GLU B 173 2.66 -3.00 19.95
C GLU B 173 1.30 -3.63 20.16
N VAL B 174 0.45 -3.55 19.13
CA VAL B 174 -0.87 -4.12 19.23
C VAL B 174 -0.91 -5.62 19.57
N ASN B 175 -0.10 -6.41 18.88
CA ASN B 175 -0.19 -7.87 18.93
C ASN B 175 0.56 -8.45 20.09
N MET B 176 1.71 -7.91 20.42
CA MET B 176 2.47 -8.47 21.53
C MET B 176 1.65 -8.47 22.84
N LYS B 177 0.81 -7.45 23.04
CA LYS B 177 -0.09 -7.47 24.20
C LYS B 177 -1.12 -8.65 24.39
N GLN B 178 -1.51 -9.26 23.30
CA GLN B 178 -2.53 -10.32 23.30
C GLN B 178 -1.82 -11.62 23.46
N MET B 179 -0.50 -11.60 23.31
CA MET B 179 0.21 -12.83 23.02
C MET B 179 0.20 -13.74 24.25
N LYS B 180 0.57 -13.22 25.43
CA LYS B 180 0.67 -14.12 26.60
C LYS B 180 -0.68 -14.72 27.06
N PRO B 181 -1.74 -13.91 27.11
CA PRO B 181 -3.13 -14.41 27.43
C PRO B 181 -3.56 -15.52 26.49
N LEU B 182 -3.19 -15.39 25.21
CA LEU B 182 -3.56 -16.43 24.26
C LEU B 182 -2.74 -17.64 24.45
N LEU B 183 -1.45 -17.46 24.76
CA LEU B 183 -0.62 -18.64 24.92
C LEU B 183 -1.02 -19.37 26.19
N ASP B 184 -1.31 -18.64 27.25
CA ASP B 184 -1.82 -19.24 28.48
C ASP B 184 -3.16 -19.92 28.30
N PHE B 185 -4.08 -19.30 27.56
CA PHE B 185 -5.36 -19.99 27.20
C PHE B 185 -5.12 -21.34 26.52
N TYR B 186 -4.33 -21.33 25.45
CA TYR B 186 -4.07 -22.57 24.79
C TYR B 186 -3.17 -23.56 25.55
N GLU B 187 -2.27 -23.11 26.43
CA GLU B 187 -1.55 -24.09 27.31
C GLU B 187 -2.55 -24.82 28.21
N GLN B 188 -3.44 -24.06 28.86
CA GLN B 188 -4.48 -24.61 29.78
C GLN B 188 -5.42 -25.55 29.04
N LYS B 189 -5.73 -25.27 27.77
CA LYS B 189 -6.50 -26.18 26.94
C LYS B 189 -5.75 -27.48 26.59
N GLY B 190 -4.43 -27.44 26.70
CA GLY B 190 -3.57 -28.53 26.29
C GLY B 190 -3.17 -28.60 24.82
N TYR B 191 -3.55 -27.58 24.01
CA TYR B 191 -3.31 -27.63 22.56
C TYR B 191 -1.95 -27.08 22.14
N LEU B 192 -1.33 -26.34 23.03
CA LEU B 192 -0.18 -25.51 22.65
C LEU B 192 1.03 -26.38 22.42
N ARG B 193 1.73 -26.14 21.33
CA ARG B 193 3.03 -26.73 21.05
C ARG B 193 3.93 -25.62 20.56
N ASN B 194 5.10 -25.50 21.17
CA ASN B 194 6.05 -24.48 20.83
C ASN B 194 7.04 -24.92 19.77
N VAL B 195 7.33 -24.03 18.84
CA VAL B 195 8.41 -24.20 17.86
C VAL B 195 9.33 -22.98 17.81
N ASN B 196 10.65 -23.22 17.74
CA ASN B 196 11.63 -22.14 17.63
C ASN B 196 11.67 -21.62 16.22
N GLY B 197 11.18 -20.40 16.03
CA GLY B 197 11.04 -19.85 14.71
C GLY B 197 12.31 -19.13 14.25
N GLN B 198 13.27 -19.00 15.17
CA GLN B 198 14.57 -18.30 14.83
C GLN B 198 15.59 -19.33 14.47
N GLN B 199 15.29 -20.07 13.42
CA GLN B 199 16.12 -21.06 12.77
C GLN B 199 15.97 -20.76 11.27
N ASP B 200 16.79 -21.43 10.48
CA ASP B 200 16.57 -21.54 9.04
C ASP B 200 15.15 -22.10 8.74
N MET B 201 14.52 -21.66 7.65
CA MET B 201 13.16 -22.17 7.28
C MET B 201 12.91 -23.66 7.28
N GLN B 202 13.87 -24.39 6.71
CA GLN B 202 13.75 -25.81 6.63
C GLN B 202 13.85 -26.44 8.02
N ASP B 203 14.67 -25.88 8.91
CA ASP B 203 14.81 -26.41 10.29
C ASP B 203 13.50 -26.19 11.08
N VAL B 204 12.93 -24.99 10.97
CA VAL B 204 11.63 -24.70 11.58
C VAL B 204 10.60 -25.74 11.10
N PHE B 205 10.53 -25.92 9.78
CA PHE B 205 9.56 -26.90 9.21
C PHE B 205 9.86 -28.34 9.67
N ALA B 206 11.15 -28.70 9.79
CA ALA B 206 11.52 -30.04 10.29
C ALA B 206 10.85 -30.26 11.63
N ASP B 207 10.89 -29.22 12.47
CA ASP B 207 10.36 -29.32 13.85
C ASP B 207 8.84 -29.40 13.86
N VAL B 208 8.20 -28.63 12.96
CA VAL B 208 6.77 -28.71 12.69
C VAL B 208 6.39 -30.17 12.25
N ARG B 209 7.16 -30.69 11.31
CA ARG B 209 6.86 -31.99 10.72
C ARG B 209 6.97 -33.07 11.78
N GLU B 210 7.94 -32.90 12.69
CA GLU B 210 8.14 -33.83 13.81
C GLU B 210 6.95 -33.81 14.74
N LEU B 211 6.43 -32.62 14.97
CA LEU B 211 5.31 -32.41 15.86
C LEU B 211 4.05 -33.07 15.28
N LEU B 212 3.80 -32.81 14.02
CA LEU B 212 2.63 -33.32 13.34
C LEU B 212 2.72 -34.84 13.09
N GLY B 213 3.93 -35.38 12.88
CA GLY B 213 4.15 -36.82 12.81
C GLY B 213 3.73 -37.58 14.06
N GLY B 214 3.68 -36.92 15.20
CA GLY B 214 3.24 -37.57 16.43
C GLY B 214 1.72 -37.66 16.62
N LEU B 215 0.94 -37.09 15.71
CA LEU B 215 -0.50 -36.86 15.96
C LEU B 215 -1.35 -38.16 15.90
PA AP5 C . 8.58 16.20 -12.05
O1A AP5 C . 8.11 14.77 -12.13
O2A AP5 C . 8.18 17.10 -13.13
O3A AP5 C . 8.08 16.79 -10.62
PB AP5 C . 6.68 17.27 -10.02
O1B AP5 C . 6.59 16.71 -8.61
O2B AP5 C . 5.62 16.78 -10.96
O3B AP5 C . 6.68 18.87 -9.99
PG AP5 C . 5.72 20.15 -10.68
O1G AP5 C . 6.30 21.44 -10.46
O2G AP5 C . 4.59 19.71 -11.67
O3G AP5 C . 4.82 20.56 -9.37
PD AP5 C . 4.24 22.10 -9.11
O1D AP5 C . 3.08 21.98 -8.19
O2D AP5 C . 5.16 23.31 -9.11
O3D AP5 C . 3.67 22.26 -10.52
PE AP5 C . 2.20 21.93 -10.66
O1E AP5 C . 2.21 21.78 -12.14
O2E AP5 C . 1.48 20.78 -9.92
O5F AP5 C . 10.09 16.16 -11.80
C5F AP5 C . 10.87 17.40 -11.74
C4F AP5 C . 12.13 17.35 -12.59
O4F AP5 C . 13.10 16.45 -11.95
C3F AP5 C . 11.89 16.87 -14.01
O3F AP5 C . 12.87 17.53 -14.81
C2F AP5 C . 12.22 15.41 -13.94
O2F AP5 C . 12.76 14.84 -15.15
C1F AP5 C . 13.23 15.28 -12.78
N9A AP5 C . 13.12 14.09 -11.97
C8A AP5 C . 12.01 13.39 -11.62
N7A AP5 C . 12.28 12.32 -10.79
C5A AP5 C . 13.63 12.36 -10.65
C6A AP5 C . 14.57 11.53 -9.92
N6A AP5 C . 14.16 10.44 -9.20
N1A AP5 C . 15.86 11.89 -9.96
C2A AP5 C . 16.30 12.99 -10.60
N3A AP5 C . 15.49 13.78 -11.34
C4A AP5 C . 14.16 13.51 -11.36
O5J AP5 C . 1.26 23.20 -10.39
C5J AP5 C . 1.64 24.43 -11.06
C4J AP5 C . 0.92 25.60 -10.39
O4J AP5 C . -0.49 25.40 -10.55
C3J AP5 C . 1.09 25.71 -8.89
O3J AP5 C . 2.34 26.37 -8.55
C2J AP5 C . -0.17 26.48 -8.49
O2J AP5 C . -0.09 27.89 -8.85
C1J AP5 C . -1.19 25.79 -9.35
N9B AP5 C . -1.80 24.59 -8.77
C8B AP5 C . -1.65 23.35 -9.24
N7B AP5 C . -2.33 22.49 -8.45
C5B AP5 C . -2.95 23.26 -7.51
C6B AP5 C . -3.84 23.04 -6.37
N6B AP5 C . -4.20 21.76 -6.15
N1B AP5 C . -4.31 24.07 -5.66
C2B AP5 C . -3.93 25.36 -5.88
N3B AP5 C . -3.11 25.60 -6.95
C4B AP5 C . -2.65 24.61 -7.73
ZN ZN D . 5.47 14.64 -26.45
MG MG E . 3.50 18.12 -12.49
PA AP5 F . 6.00 -14.61 7.21
O1A AP5 F . 6.03 -16.10 7.04
O2A AP5 F . 5.26 -13.81 6.19
O3A AP5 F . 5.50 -14.38 8.71
PB AP5 F . 4.02 -14.18 9.33
O1B AP5 F . 4.20 -14.88 10.67
O2B AP5 F . 3.04 -14.85 8.40
O3B AP5 F . 3.67 -12.56 9.39
PG AP5 F . 2.16 -11.64 9.08
O1G AP5 F . 2.30 -10.16 9.25
O2G AP5 F . 1.45 -12.20 7.86
O3G AP5 F . 1.25 -11.87 10.29
PD AP5 F . 0.30 -10.69 10.78
O1D AP5 F . -0.50 -11.39 11.88
O2D AP5 F . 1.01 -9.48 11.29
O3D AP5 F . -0.43 -10.24 9.35
PE AP5 F . -1.80 -10.89 8.83
O1E AP5 F . -1.83 -11.10 7.36
O2E AP5 F . -2.18 -12.14 9.61
O5F AP5 F . 7.54 -14.23 7.41
C5F AP5 F . 7.90 -12.84 7.49
C4F AP5 F . 9.09 -12.48 6.64
O4F AP5 F . 10.24 -13.08 7.19
C3F AP5 F . 8.98 -12.92 5.17
O3F AP5 F . 9.63 -11.94 4.42
C2F AP5 F . 9.71 -14.27 5.20
O2F AP5 F . 10.35 -14.55 3.94
C1F AP5 F . 10.72 -14.13 6.31
N9A AP5 F . 11.02 -15.36 7.01
C8A AP5 F . 10.13 -16.33 7.36
N7A AP5 F . 10.69 -17.31 8.08
C5A AP5 F . 12.01 -16.94 8.18
C6A AP5 F . 13.19 -17.58 8.81
N6A AP5 F . 13.05 -18.77 9.40
N1A AP5 F . 14.34 -16.90 8.68
C2A AP5 F . 14.44 -15.73 8.02
N3A AP5 F . 13.41 -15.06 7.45
C4A AP5 F . 12.20 -15.69 7.51
O5J AP5 F . -2.82 -9.81 9.37
C5J AP5 F . -2.98 -8.54 8.69
C4J AP5 F . -3.94 -7.59 9.33
O4J AP5 F . -5.27 -8.08 9.15
C3J AP5 F . -3.75 -7.36 10.82
O3J AP5 F . -2.71 -6.39 11.09
C2J AP5 F . -5.18 -6.96 11.16
O2J AP5 F . -5.44 -5.58 10.82
C1J AP5 F . -6.04 -7.84 10.30
N9B AP5 F . -6.25 -9.19 10.88
C8B AP5 F . -5.77 -10.37 10.47
N7B AP5 F . -6.14 -11.42 11.25
C5B AP5 F . -6.87 -10.79 12.26
C6B AP5 F . -7.54 -11.25 13.48
N6B AP5 F . -7.58 -12.53 13.80
N1B AP5 F . -8.24 -10.35 14.22
C2B AP5 F . -8.26 -9.05 13.94
N3B AP5 F . -7.63 -8.53 12.84
C4B AP5 F . -6.96 -9.37 12.02
ZN ZN G . 3.00 -16.57 -7.04
MG MG H . 0.99 -14.18 7.31
#